data_5BXY
#
_entry.id   5BXY
#
_cell.length_a   43.574
_cell.length_b   86.040
_cell.length_c   85.057
_cell.angle_alpha   90.000
_cell.angle_beta   90.000
_cell.angle_gamma   90.000
#
_symmetry.space_group_name_H-M   'P 21 21 21'
#
loop_
_entity.id
_entity.type
_entity.pdbx_description
1 polymer 'RNA methyltransferase'
2 non-polymer S-ADENOSYL-L-HOMOCYSTEINE
3 non-polymer 'CHLORIDE ION'
4 non-polymer 'MAGNESIUM ION'
5 water water
#
_entity_poly.entity_id   1
_entity_poly.type   'polypeptide(L)'
_entity_poly.pdbx_seq_one_letter_code
;S(MSE)VPYVPTPKPVVDR(MSE)LELADVDETDVLYDLGSGDGRIVIRAARTHGARGVGIEIDPDLVKKARKNAKEAGV
ADLVEFRQGDLFEADISEATVVTLYLLPSVNQKLRPILFEQLSPGTPVVSHDFD(MSE)GRWAPDRTVDLEGDTVYRWTI
PEEIPEDLDE
;
_entity_poly.pdbx_strand_id   A,B
#
# COMPACT_ATOMS: atom_id res chain seq x y z
N VAL A 3 5.01 -6.26 -7.06
CA VAL A 3 5.21 -4.87 -7.49
C VAL A 3 5.37 -4.83 -9.03
N PRO A 4 4.44 -4.15 -9.73
CA PRO A 4 4.51 -4.15 -11.19
C PRO A 4 5.61 -3.22 -11.70
N TYR A 5 6.10 -3.45 -12.92
CA TYR A 5 6.96 -2.45 -13.59
C TYR A 5 6.12 -1.32 -14.22
N VAL A 6 5.90 -0.28 -13.44
CA VAL A 6 5.41 1.02 -13.94
C VAL A 6 6.36 2.05 -13.32
N PRO A 7 7.14 2.78 -14.18
CA PRO A 7 8.22 3.59 -13.65
C PRO A 7 7.75 4.90 -13.05
N THR A 8 8.63 5.49 -12.23
CA THR A 8 8.43 6.84 -11.74
C THR A 8 8.68 7.82 -12.90
N PRO A 9 7.76 8.79 -13.11
CA PRO A 9 8.05 9.81 -14.15
C PRO A 9 9.36 10.56 -13.91
N LYS A 10 10.06 10.92 -14.98
CA LYS A 10 11.38 11.56 -14.83
C LYS A 10 11.38 12.85 -14.00
N PRO A 11 10.35 13.69 -14.14
CA PRO A 11 10.35 14.89 -13.27
C PRO A 11 10.22 14.56 -11.78
N VAL A 12 9.47 13.51 -11.47
CA VAL A 12 9.33 13.05 -10.09
C VAL A 12 10.66 12.49 -9.58
N VAL A 13 11.36 11.75 -10.44
CA VAL A 13 12.71 11.27 -10.10
C VAL A 13 13.58 12.45 -9.70
N ASP A 14 13.57 13.51 -10.50
CA ASP A 14 14.43 14.67 -10.21
C ASP A 14 14.12 15.30 -8.86
N ARG A 15 12.84 15.35 -8.52
CA ARG A 15 12.41 15.90 -7.23
C ARG A 15 12.85 14.99 -6.06
N LEU A 17 15.51 13.07 -6.00
CA LEU A 17 16.97 13.23 -5.82
C LEU A 17 17.32 14.55 -5.13
N GLU A 18 16.60 15.62 -5.48
CA GLU A 18 16.72 16.90 -4.76
C GLU A 18 16.38 16.75 -3.27
N LEU A 19 15.30 16.02 -2.99
CA LEU A 19 14.77 15.89 -1.62
C LEU A 19 15.76 15.16 -0.70
N ALA A 20 16.54 14.25 -1.28
CA ALA A 20 17.56 13.49 -0.56
C ALA A 20 18.92 14.18 -0.54
N ASP A 21 19.01 15.38 -1.15
CA ASP A 21 20.25 16.16 -1.27
C ASP A 21 21.39 15.35 -1.87
N VAL A 22 21.10 14.59 -2.90
CA VAL A 22 22.08 13.68 -3.49
C VAL A 22 23.25 14.50 -4.08
N ASP A 23 24.49 14.04 -3.84
CA ASP A 23 25.67 14.69 -4.42
C ASP A 23 26.74 13.66 -4.82
N GLU A 24 27.89 14.16 -5.27
CA GLU A 24 28.93 13.31 -5.82
C GLU A 24 29.55 12.33 -4.82
N THR A 25 29.34 12.53 -3.53
CA THR A 25 29.89 11.65 -2.48
C THR A 25 28.95 10.50 -2.15
N ASP A 26 27.75 10.49 -2.73
CA ASP A 26 26.77 9.47 -2.39
C ASP A 26 26.91 8.16 -3.18
N VAL A 27 26.40 7.10 -2.56
CA VAL A 27 26.19 5.80 -3.18
C VAL A 27 24.70 5.50 -3.01
N LEU A 28 23.95 5.69 -4.10
CA LEU A 28 22.51 5.63 -4.08
C LEU A 28 22.06 4.23 -4.44
N TYR A 29 21.20 3.61 -3.62
CA TYR A 29 20.61 2.31 -3.92
C TYR A 29 19.15 2.47 -4.26
N ASP A 30 18.74 1.99 -5.45
CA ASP A 30 17.35 1.98 -5.84
C ASP A 30 16.90 0.51 -5.74
N LEU A 31 15.99 0.27 -4.81
CA LEU A 31 15.49 -1.06 -4.51
C LEU A 31 14.26 -1.36 -5.35
N GLY A 32 14.44 -2.21 -6.38
CA GLY A 32 13.45 -2.41 -7.44
C GLY A 32 13.70 -1.37 -8.53
N SER A 33 14.83 -1.51 -9.21
CA SER A 33 15.37 -0.42 -10.04
C SER A 33 14.77 -0.26 -11.44
N GLY A 34 14.02 -1.26 -11.93
CA GLY A 34 13.32 -1.11 -13.21
C GLY A 34 14.23 -0.83 -14.39
N ASP A 35 13.94 0.22 -15.18
CA ASP A 35 14.79 0.60 -16.31
C ASP A 35 16.07 1.37 -15.93
N GLY A 36 16.31 1.54 -14.63
CA GLY A 36 17.51 2.18 -14.12
C GLY A 36 17.48 3.69 -13.99
N ARG A 37 16.34 4.33 -14.26
CA ARG A 37 16.28 5.79 -14.37
C ARG A 37 16.69 6.54 -13.11
N ILE A 38 16.41 6.00 -11.92
CA ILE A 38 16.76 6.73 -10.70
C ILE A 38 18.27 6.77 -10.52
N VAL A 39 18.93 5.62 -10.62
CA VAL A 39 20.37 5.57 -10.49
C VAL A 39 21.10 6.26 -11.65
N ILE A 40 20.55 6.17 -12.84
CA ILE A 40 21.17 6.85 -14.00
C ILE A 40 21.10 8.37 -13.87
N ARG A 41 19.96 8.89 -13.45
CA ARG A 41 19.81 10.34 -13.30
C ARG A 41 20.61 10.86 -12.09
N ALA A 42 20.73 10.05 -11.04
CA ALA A 42 21.59 10.41 -9.91
C ALA A 42 23.06 10.57 -10.38
N ALA A 43 23.51 9.65 -11.23
CA ALA A 43 24.87 9.71 -11.76
C ALA A 43 25.07 10.86 -12.75
N ARG A 44 24.13 11.03 -13.67
CA ARG A 44 24.26 12.07 -14.68
C ARG A 44 24.18 13.49 -14.09
N THR A 45 23.16 13.73 -13.26
CA THR A 45 22.92 15.07 -12.71
C THR A 45 23.87 15.42 -11.55
N HIS A 46 24.05 14.48 -10.64
CA HIS A 46 24.71 14.76 -9.36
C HIS A 46 26.09 14.10 -9.21
N GLY A 47 26.46 13.22 -10.14
CA GLY A 47 27.76 12.56 -10.11
C GLY A 47 27.85 11.42 -9.07
N ALA A 48 26.71 11.02 -8.52
CA ALA A 48 26.68 9.99 -7.49
C ALA A 48 26.93 8.60 -8.10
N ARG A 49 27.55 7.71 -7.33
CA ARG A 49 27.58 6.29 -7.67
C ARG A 49 26.20 5.70 -7.36
N GLY A 50 25.84 4.65 -8.09
CA GLY A 50 24.52 4.03 -7.95
C GLY A 50 24.54 2.53 -8.08
N VAL A 51 23.64 1.89 -7.33
CA VAL A 51 23.38 0.46 -7.42
C VAL A 51 21.88 0.28 -7.54
N GLY A 52 21.46 -0.40 -8.59
CA GLY A 52 20.07 -0.81 -8.73
C GLY A 52 19.91 -2.31 -8.50
N ILE A 53 18.96 -2.67 -7.63
CA ILE A 53 18.64 -4.08 -7.38
C ILE A 53 17.31 -4.35 -8.09
N GLU A 54 17.27 -5.37 -8.93
CA GLU A 54 16.09 -5.68 -9.74
C GLU A 54 15.93 -7.17 -9.97
N ILE A 55 14.72 -7.66 -9.75
CA ILE A 55 14.46 -9.12 -9.81
C ILE A 55 14.29 -9.64 -11.26
N ASP A 56 13.77 -8.81 -12.14
CA ASP A 56 13.44 -9.21 -13.53
C ASP A 56 14.68 -9.09 -14.41
N PRO A 57 15.19 -10.20 -14.98
CA PRO A 57 16.41 -10.11 -15.78
C PRO A 57 16.28 -9.24 -17.05
N ASP A 58 15.09 -9.17 -17.63
CA ASP A 58 14.82 -8.32 -18.79
C ASP A 58 15.03 -6.83 -18.48
N LEU A 59 14.65 -6.43 -17.27
CA LEU A 59 14.83 -5.04 -16.83
C LEU A 59 16.26 -4.76 -16.43
N VAL A 60 16.97 -5.73 -15.85
CA VAL A 60 18.40 -5.56 -15.59
C VAL A 60 19.14 -5.28 -16.93
N LYS A 61 18.81 -6.06 -17.94
CA LYS A 61 19.37 -5.91 -19.31
C LYS A 61 19.08 -4.52 -19.87
N LYS A 62 17.83 -4.08 -19.77
CA LYS A 62 17.45 -2.75 -20.28
C LYS A 62 18.20 -1.65 -19.54
N ALA A 63 18.27 -1.76 -18.22
CA ALA A 63 18.95 -0.76 -17.38
C ALA A 63 20.45 -0.64 -17.70
N ARG A 64 21.11 -1.78 -17.87
CA ARG A 64 22.53 -1.76 -18.26
C ARG A 64 22.73 -1.07 -19.61
N LYS A 65 21.84 -1.34 -20.57
CA LYS A 65 21.89 -0.69 -21.89
C LYS A 65 21.67 0.82 -21.73
N ASN A 66 20.68 1.18 -20.90
CA ASN A 66 20.39 2.58 -20.62
C ASN A 66 21.57 3.33 -19.99
N ALA A 67 22.28 2.68 -19.07
CA ALA A 67 23.42 3.29 -18.41
C ALA A 67 24.57 3.52 -19.39
N LYS A 68 24.82 2.53 -20.26
CA LYS A 68 25.86 2.66 -21.29
C LYS A 68 25.53 3.79 -22.27
N GLU A 69 24.29 3.82 -22.75
CA GLU A 69 23.81 4.91 -23.61
C GLU A 69 23.89 6.29 -22.94
N ALA A 70 23.65 6.36 -21.63
CA ALA A 70 23.77 7.64 -20.88
C ALA A 70 25.20 8.09 -20.58
N GLY A 71 26.17 7.20 -20.80
CA GLY A 71 27.57 7.53 -20.52
C GLY A 71 27.89 7.50 -19.04
N VAL A 72 27.13 6.73 -18.25
CA VAL A 72 27.32 6.64 -16.78
C VAL A 72 27.63 5.22 -16.27
N ALA A 73 28.03 4.32 -17.16
CA ALA A 73 28.29 2.94 -16.77
C ALA A 73 29.44 2.83 -15.75
N ASP A 74 30.37 3.78 -15.77
CA ASP A 74 31.45 3.81 -14.76
C ASP A 74 30.99 4.20 -13.34
N LEU A 75 29.80 4.82 -13.23
CA LEU A 75 29.21 5.18 -11.93
C LEU A 75 28.08 4.25 -11.42
N VAL A 76 27.49 3.44 -12.29
CA VAL A 76 26.23 2.75 -12.00
C VAL A 76 26.39 1.25 -12.23
N GLU A 77 25.91 0.46 -11.27
CA GLU A 77 25.91 -1.00 -11.31
C GLU A 77 24.49 -1.50 -11.09
N PHE A 78 24.13 -2.60 -11.76
CA PHE A 78 22.87 -3.28 -11.52
C PHE A 78 23.14 -4.70 -11.07
N ARG A 79 22.35 -5.14 -10.10
CA ARG A 79 22.43 -6.49 -9.56
C ARG A 79 21.08 -7.17 -9.73
N GLN A 80 21.08 -8.32 -10.39
CA GLN A 80 19.86 -9.12 -10.48
C GLN A 80 19.66 -9.82 -9.14
N GLY A 81 18.48 -9.63 -8.56
CA GLY A 81 18.16 -10.30 -7.29
C GLY A 81 16.94 -9.73 -6.60
N ASP A 82 16.58 -10.39 -5.51
CA ASP A 82 15.46 -9.96 -4.68
C ASP A 82 15.96 -8.90 -3.70
N LEU A 83 15.33 -7.73 -3.68
CA LEU A 83 15.73 -6.64 -2.78
C LEU A 83 15.65 -7.00 -1.31
N PHE A 84 14.76 -7.93 -0.95
CA PHE A 84 14.68 -8.42 0.45
C PHE A 84 15.84 -9.29 0.89
N GLU A 85 16.70 -9.69 -0.05
CA GLU A 85 17.86 -10.49 0.27
C GLU A 85 19.17 -9.77 -0.01
N ALA A 86 19.11 -8.52 -0.45
CA ALA A 86 20.30 -7.76 -0.87
C ALA A 86 21.06 -7.16 0.30
N ASP A 87 22.38 -7.05 0.15
CA ASP A 87 23.23 -6.30 1.07
C ASP A 87 23.20 -4.85 0.61
N ILE A 88 22.55 -4.01 1.43
CA ILE A 88 22.36 -2.59 1.13
C ILE A 88 23.13 -1.67 2.09
N SER A 89 24.02 -2.26 2.90
CA SER A 89 24.68 -1.52 3.98
C SER A 89 25.62 -0.41 3.50
N GLU A 90 26.10 -0.49 2.27
CA GLU A 90 26.96 0.56 1.70
C GLU A 90 26.19 1.77 1.18
N ALA A 91 24.87 1.69 1.13
CA ALA A 91 24.05 2.81 0.67
C ALA A 91 24.20 4.05 1.55
N THR A 92 24.36 5.21 0.92
CA THR A 92 24.27 6.49 1.63
C THR A 92 22.93 7.18 1.41
N VAL A 93 22.15 6.69 0.44
CA VAL A 93 20.79 7.15 0.13
C VAL A 93 20.05 5.95 -0.44
N VAL A 94 18.78 5.78 -0.08
CA VAL A 94 17.94 4.70 -0.62
C VAL A 94 16.67 5.31 -1.21
N THR A 95 16.29 4.82 -2.40
CA THR A 95 15.05 5.25 -3.05
C THR A 95 14.17 4.08 -3.37
N LEU A 96 12.85 4.31 -3.33
CA LEU A 96 11.84 3.25 -3.38
C LEU A 96 10.60 3.69 -4.17
N TYR A 97 10.14 2.85 -5.08
CA TYR A 97 8.75 2.96 -5.59
C TYR A 97 8.16 1.57 -5.68
N LEU A 98 7.56 1.15 -4.57
CA LEU A 98 7.15 -0.25 -4.42
C LEU A 98 5.63 -0.31 -4.18
N LEU A 99 5.20 -0.67 -2.97
CA LEU A 99 3.79 -0.78 -2.60
C LEU A 99 3.67 -0.54 -1.10
N PRO A 100 2.47 -0.23 -0.58
CA PRO A 100 2.34 -0.03 0.87
C PRO A 100 2.77 -1.23 1.68
N SER A 101 2.26 -2.41 1.32
CA SER A 101 2.59 -3.63 2.04
C SER A 101 4.09 -4.00 1.96
N VAL A 102 4.69 -3.77 0.80
CA VAL A 102 6.11 -4.06 0.57
C VAL A 102 6.98 -3.11 1.39
N ASN A 103 6.65 -1.82 1.38
CA ASN A 103 7.35 -0.86 2.27
C ASN A 103 7.34 -1.30 3.73
N GLN A 104 6.19 -1.76 4.20
CA GLN A 104 6.07 -2.20 5.59
C GLN A 104 6.99 -3.40 5.90
N LYS A 105 7.06 -4.35 4.98
CA LYS A 105 7.94 -5.50 5.12
C LYS A 105 9.42 -5.12 5.07
N LEU A 106 9.72 -4.15 4.23
CA LEU A 106 11.09 -3.67 4.07
C LEU A 106 11.61 -2.86 5.27
N ARG A 107 10.74 -2.15 5.98
CA ARG A 107 11.17 -1.22 7.03
C ARG A 107 12.18 -1.78 8.03
N PRO A 108 11.90 -2.97 8.60
CA PRO A 108 12.89 -3.49 9.56
C PRO A 108 14.26 -3.80 8.94
N ILE A 109 14.29 -4.14 7.65
CA ILE A 109 15.54 -4.38 6.95
C ILE A 109 16.33 -3.07 6.82
N LEU A 110 15.64 -1.96 6.54
CA LEU A 110 16.28 -0.65 6.50
C LEU A 110 16.91 -0.28 7.84
N PHE A 111 16.16 -0.52 8.92
CA PHE A 111 16.69 -0.29 10.27
C PHE A 111 17.88 -1.19 10.60
N GLU A 112 17.86 -2.43 10.12
CA GLU A 112 18.97 -3.37 10.38
C GLU A 112 20.26 -2.98 9.66
N GLN A 113 20.16 -2.50 8.43
CA GLN A 113 21.32 -2.41 7.53
C GLN A 113 21.90 -1.01 7.33
N LEU A 114 21.06 0.01 7.39
CA LEU A 114 21.46 1.37 7.03
C LEU A 114 22.06 2.17 8.18
N SER A 115 23.07 2.97 7.87
CA SER A 115 23.73 3.83 8.86
C SER A 115 22.81 4.97 9.30
N PRO A 116 22.87 5.34 10.59
CA PRO A 116 22.10 6.53 11.00
C PRO A 116 22.44 7.75 10.14
N GLY A 117 21.43 8.54 9.83
CA GLY A 117 21.59 9.68 8.96
C GLY A 117 21.28 9.40 7.52
N THR A 118 21.15 8.13 7.12
CA THR A 118 20.83 7.79 5.73
C THR A 118 19.41 8.22 5.33
N PRO A 119 19.29 9.05 4.27
CA PRO A 119 17.94 9.36 3.79
C PRO A 119 17.32 8.20 3.02
N VAL A 120 16.02 8.06 3.19
CA VAL A 120 15.19 7.11 2.46
C VAL A 120 14.10 7.93 1.81
N VAL A 121 13.93 7.78 0.49
CA VAL A 121 12.90 8.51 -0.27
C VAL A 121 11.97 7.52 -0.94
N SER A 122 10.67 7.72 -0.76
CA SER A 122 9.67 6.85 -1.36
C SER A 122 8.67 7.65 -2.21
N HIS A 123 8.41 7.12 -3.40
CA HIS A 123 7.38 7.64 -4.28
C HIS A 123 6.03 7.01 -3.86
N ASP A 124 5.08 7.88 -3.48
CA ASP A 124 3.67 7.55 -3.26
C ASP A 124 3.30 6.81 -1.98
N PHE A 125 4.14 5.89 -1.52
CA PHE A 125 3.80 5.02 -0.37
C PHE A 125 4.60 5.34 0.86
N ASP A 126 3.91 5.36 1.99
CA ASP A 126 4.52 5.74 3.27
C ASP A 126 5.05 4.51 4.02
N GLY A 128 3.98 3.59 7.28
CA GLY A 128 3.08 3.36 8.40
C GLY A 128 3.31 4.35 9.53
N ARG A 129 3.52 3.84 10.73
CA ARG A 129 3.71 4.70 11.91
C ARG A 129 5.08 5.39 12.02
N TRP A 130 6.00 5.07 11.14
CA TRP A 130 7.30 5.75 11.09
C TRP A 130 7.12 7.09 10.39
N ALA A 131 7.20 8.18 11.15
CA ALA A 131 6.80 9.50 10.63
C ALA A 131 7.85 10.06 9.67
N PRO A 132 7.43 10.55 8.48
CA PRO A 132 8.44 11.13 7.57
C PRO A 132 8.98 12.47 8.05
N ASP A 133 10.15 12.85 7.57
CA ASP A 133 10.77 14.18 7.76
CA ASP A 133 10.63 14.22 7.85
C ASP A 133 10.22 15.21 6.77
N ARG A 134 9.79 14.72 5.60
CA ARG A 134 9.24 15.56 4.53
C ARG A 134 8.17 14.83 3.75
N THR A 135 7.16 15.55 3.30
CA THR A 135 6.14 15.01 2.41
C THR A 135 5.82 16.05 1.34
N VAL A 136 6.20 15.76 0.10
CA VAL A 136 6.12 16.72 -1.02
C VAL A 136 4.91 16.33 -1.87
N ASP A 137 4.02 17.29 -2.03
CA ASP A 137 2.82 17.12 -2.83
C ASP A 137 3.12 17.64 -4.23
N LEU A 138 3.17 16.73 -5.21
CA LEU A 138 3.29 17.10 -6.59
C LEU A 138 1.91 16.98 -7.23
N GLU A 139 1.78 17.36 -8.49
CA GLU A 139 0.47 17.24 -9.18
C GLU A 139 0.30 15.77 -9.56
N GLY A 140 -0.49 15.03 -8.79
CA GLY A 140 -0.69 13.60 -9.04
C GLY A 140 0.33 12.60 -8.46
N ASP A 141 1.31 13.07 -7.70
CA ASP A 141 2.27 12.20 -7.02
C ASP A 141 2.67 12.78 -5.66
N THR A 142 3.03 11.90 -4.73
CA THR A 142 3.55 12.31 -3.43
C THR A 142 4.93 11.69 -3.26
N VAL A 143 5.84 12.42 -2.62
CA VAL A 143 7.16 11.92 -2.31
C VAL A 143 7.41 12.12 -0.84
N TYR A 144 7.82 11.05 -0.16
CA TYR A 144 8.19 11.06 1.25
C TYR A 144 9.67 10.94 1.45
N ARG A 145 10.17 11.58 2.50
CA ARG A 145 11.54 11.34 2.96
C ARG A 145 11.56 11.02 4.46
N TRP A 146 12.43 10.07 4.82
CA TRP A 146 12.78 9.77 6.19
C TRP A 146 14.30 9.81 6.29
N THR A 147 14.77 9.99 7.51
CA THR A 147 16.18 9.86 7.85
C THR A 147 16.32 8.76 8.89
N ILE A 148 17.24 7.83 8.65
CA ILE A 148 17.44 6.72 9.60
C ILE A 148 17.94 7.33 10.91
N PRO A 149 17.25 7.05 12.03
CA PRO A 149 17.66 7.66 13.29
C PRO A 149 18.82 6.93 13.98
N GLU A 150 19.43 7.60 14.96
CA GLU A 150 20.48 6.99 15.79
C GLU A 150 19.96 5.84 16.65
N GLU A 151 18.73 5.97 17.13
CA GLU A 151 18.04 4.88 17.85
C GLU A 151 16.69 4.65 17.18
N ILE A 152 16.34 3.37 16.99
CA ILE A 152 15.05 3.02 16.42
C ILE A 152 13.99 3.33 17.48
N PRO A 153 12.96 4.11 17.13
CA PRO A 153 11.88 4.37 18.09
C PRO A 153 11.29 3.06 18.63
N GLU A 154 11.10 2.98 19.95
CA GLU A 154 10.63 1.71 20.59
C GLU A 154 9.37 1.15 19.94
N ASP A 155 8.44 2.02 19.56
CA ASP A 155 7.27 1.67 18.73
C ASP A 155 7.56 0.77 17.50
N LEU A 156 8.75 0.91 16.90
CA LEU A 156 9.09 0.25 15.63
C LEU A 156 10.02 -0.97 15.77
N VAL B 6 -10.32 -16.44 8.72
CA VAL B 6 -9.64 -15.86 9.92
C VAL B 6 -10.34 -14.58 10.29
N PRO B 7 -10.92 -14.52 11.48
CA PRO B 7 -11.60 -13.29 11.71
C PRO B 7 -10.69 -12.15 12.13
N THR B 8 -11.17 -10.95 11.89
CA THR B 8 -10.50 -9.74 12.33
C THR B 8 -10.76 -9.61 13.85
N PRO B 9 -9.70 -9.33 14.66
CA PRO B 9 -9.94 -9.11 16.10
C PRO B 9 -10.91 -7.97 16.36
N LYS B 10 -11.72 -8.12 17.41
CA LYS B 10 -12.79 -7.16 17.67
C LYS B 10 -12.30 -5.67 17.81
N PRO B 11 -11.14 -5.42 18.47
CA PRO B 11 -10.65 -4.04 18.53
C PRO B 11 -10.26 -3.48 17.15
N VAL B 12 -9.75 -4.35 16.26
CA VAL B 12 -9.41 -3.95 14.91
C VAL B 12 -10.70 -3.65 14.12
N VAL B 13 -11.75 -4.45 14.31
CA VAL B 13 -13.05 -4.17 13.68
C VAL B 13 -13.51 -2.77 14.10
N ASP B 14 -13.43 -2.46 15.38
CA ASP B 14 -13.89 -1.13 15.86
C ASP B 14 -13.10 0.00 15.22
N ARG B 15 -11.78 -0.19 15.05
CA ARG B 15 -10.92 0.78 14.38
C ARG B 15 -11.26 0.96 12.87
N LEU B 17 -14.21 0.48 11.49
CA LEU B 17 -15.49 1.21 11.44
C LEU B 17 -15.31 2.71 11.71
N GLU B 18 -14.43 3.04 12.67
CA GLU B 18 -14.08 4.45 12.95
C GLU B 18 -13.41 5.12 11.75
N LEU B 19 -12.50 4.39 11.13
CA LEU B 19 -11.74 4.92 9.98
C LEU B 19 -12.61 5.24 8.77
N ALA B 20 -13.66 4.45 8.58
CA ALA B 20 -14.63 4.70 7.51
C ALA B 20 -15.75 5.67 7.88
N ASP B 21 -15.70 6.20 9.11
CA ASP B 21 -16.70 7.14 9.66
C ASP B 21 -18.12 6.60 9.55
N VAL B 22 -18.29 5.32 9.90
CA VAL B 22 -19.61 4.66 9.74
C VAL B 22 -20.64 5.30 10.68
N ASP B 23 -21.83 5.56 10.15
CA ASP B 23 -22.92 6.08 10.97
C ASP B 23 -24.27 5.48 10.57
N GLU B 24 -25.34 5.96 11.20
CA GLU B 24 -26.68 5.39 10.99
C GLU B 24 -27.25 5.52 9.55
N THR B 25 -26.66 6.39 8.73
CA THR B 25 -27.09 6.54 7.33
C THR B 25 -26.39 5.57 6.38
N ASP B 26 -25.43 4.79 6.87
CA ASP B 26 -24.67 3.93 5.97
C ASP B 26 -25.31 2.58 5.70
N VAL B 27 -24.92 2.03 4.55
CA VAL B 27 -25.19 0.64 4.16
C VAL B 27 -23.81 0.03 3.95
N LEU B 28 -23.36 -0.74 4.92
CA LEU B 28 -22.01 -1.30 4.95
C LEU B 28 -22.03 -2.67 4.33
N TYR B 29 -21.16 -2.90 3.35
CA TYR B 29 -20.97 -4.24 2.78
C TYR B 29 -19.66 -4.81 3.24
N ASP B 30 -19.70 -5.99 3.88
CA ASP B 30 -18.49 -6.75 4.21
C ASP B 30 -18.40 -7.91 3.20
N LEU B 31 -17.36 -7.84 2.38
CA LEU B 31 -17.16 -8.81 1.30
C LEU B 31 -16.29 -9.95 1.83
N GLY B 32 -16.91 -11.10 2.07
CA GLY B 32 -16.30 -12.25 2.77
C GLY B 32 -16.56 -12.09 4.25
N SER B 33 -17.82 -12.21 4.63
CA SER B 33 -18.28 -11.73 5.92
C SER B 33 -18.07 -12.69 7.10
N GLY B 34 -17.73 -13.95 6.85
CA GLY B 34 -17.39 -14.86 7.93
C GLY B 34 -18.49 -15.04 8.96
N ASP B 35 -18.15 -14.84 10.24
CA ASP B 35 -19.13 -14.97 11.35
C ASP B 35 -20.03 -13.75 11.53
N GLY B 36 -19.87 -12.75 10.67
CA GLY B 36 -20.72 -11.57 10.63
C GLY B 36 -20.30 -10.41 11.51
N ARG B 37 -19.16 -10.51 12.19
CA ARG B 37 -18.79 -9.54 13.22
C ARG B 37 -18.67 -8.09 12.74
N ILE B 38 -18.22 -7.86 11.51
CA ILE B 38 -18.06 -6.48 11.04
C ILE B 38 -19.45 -5.83 10.87
N VAL B 39 -20.34 -6.51 10.14
CA VAL B 39 -21.68 -5.97 9.93
C VAL B 39 -22.51 -5.91 11.20
N ILE B 40 -22.36 -6.89 12.09
CA ILE B 40 -23.09 -6.90 13.38
C ILE B 40 -22.63 -5.76 14.29
N ARG B 41 -21.33 -5.53 14.39
CA ARG B 41 -20.80 -4.43 15.19
C ARG B 41 -21.15 -3.05 14.58
N ALA B 42 -21.17 -2.95 13.26
CA ALA B 42 -21.60 -1.72 12.59
C ALA B 42 -23.07 -1.38 12.98
N ALA B 43 -23.92 -2.40 13.00
CA ALA B 43 -25.34 -2.23 13.34
C ALA B 43 -25.54 -1.92 14.81
N ARG B 44 -24.88 -2.69 15.67
CA ARG B 44 -25.02 -2.51 17.11
C ARG B 44 -24.44 -1.17 17.60
N THR B 45 -23.23 -0.83 17.16
CA THR B 45 -22.54 0.38 17.64
C THR B 45 -23.02 1.66 16.96
N HIS B 46 -23.19 1.61 15.64
CA HIS B 46 -23.39 2.80 14.82
C HIS B 46 -24.79 2.92 14.24
N GLY B 47 -25.60 1.86 14.36
CA GLY B 47 -26.94 1.84 13.79
C GLY B 47 -27.00 1.71 12.27
N ALA B 48 -25.88 1.34 11.64
CA ALA B 48 -25.82 1.21 10.17
C ALA B 48 -26.53 -0.06 9.71
N ARG B 49 -27.08 -0.02 8.50
CA ARG B 49 -27.51 -1.23 7.82
C ARG B 49 -26.29 -1.94 7.30
N GLY B 50 -26.39 -3.26 7.20
CA GLY B 50 -25.25 -4.08 6.80
C GLY B 50 -25.64 -5.24 5.90
N VAL B 51 -24.76 -5.56 4.96
CA VAL B 51 -24.88 -6.73 4.12
C VAL B 51 -23.57 -7.46 4.16
N GLY B 52 -23.60 -8.73 4.55
CA GLY B 52 -22.41 -9.58 4.46
C GLY B 52 -22.58 -10.57 3.30
N ILE B 53 -21.56 -10.66 2.45
CA ILE B 53 -21.52 -11.63 1.36
C ILE B 53 -20.52 -12.71 1.77
N GLU B 54 -20.96 -13.96 1.73
CA GLU B 54 -20.12 -15.08 2.18
C GLU B 54 -20.40 -16.33 1.35
N ILE B 55 -19.33 -16.98 0.94
CA ILE B 55 -19.45 -18.14 0.04
C ILE B 55 -19.74 -19.46 0.78
N ASP B 56 -19.24 -19.60 2.01
CA ASP B 56 -19.42 -20.83 2.80
C ASP B 56 -20.81 -20.84 3.49
N PRO B 57 -21.70 -21.79 3.12
CA PRO B 57 -23.04 -21.81 3.75
C PRO B 57 -23.07 -22.01 5.27
N ASP B 58 -22.10 -22.75 5.83
CA ASP B 58 -21.99 -22.90 7.29
C ASP B 58 -21.76 -21.57 8.01
N LEU B 59 -20.96 -20.70 7.40
CA LEU B 59 -20.67 -19.39 7.98
C LEU B 59 -21.86 -18.44 7.82
N VAL B 60 -22.59 -18.54 6.71
CA VAL B 60 -23.82 -17.75 6.54
C VAL B 60 -24.81 -18.08 7.67
N LYS B 61 -24.99 -19.38 7.92
CA LYS B 61 -25.84 -19.88 8.99
C LYS B 61 -25.43 -19.34 10.37
N LYS B 62 -24.13 -19.45 10.68
CA LYS B 62 -23.58 -18.95 11.94
C LYS B 62 -23.80 -17.44 12.09
N ALA B 63 -23.53 -16.69 11.03
CA ALA B 63 -23.66 -15.22 11.04
C ALA B 63 -25.12 -14.77 11.24
N ARG B 64 -26.06 -15.44 10.58
CA ARG B 64 -27.50 -15.15 10.79
C ARG B 64 -27.90 -15.37 12.25
N LYS B 65 -27.43 -16.47 12.83
CA LYS B 65 -27.70 -16.76 14.23
C LYS B 65 -27.08 -15.68 15.13
N ASN B 66 -25.84 -15.27 14.83
CA ASN B 66 -25.16 -14.20 15.56
C ASN B 66 -25.92 -12.90 15.52
N ALA B 67 -26.47 -12.57 14.35
CA ALA B 67 -27.20 -11.33 14.19
C ALA B 67 -28.52 -11.34 14.97
N LYS B 68 -29.21 -12.47 14.94
CA LYS B 68 -30.44 -12.64 15.73
C LYS B 68 -30.15 -12.51 17.22
N GLU B 69 -29.13 -13.23 17.69
CA GLU B 69 -28.67 -13.11 19.08
C GLU B 69 -28.26 -11.70 19.50
N ALA B 70 -27.67 -10.93 18.57
CA ALA B 70 -27.29 -9.53 18.85
C ALA B 70 -28.45 -8.53 18.79
N GLY B 71 -29.62 -8.96 18.33
CA GLY B 71 -30.78 -8.09 18.24
C GLY B 71 -30.73 -7.13 17.07
N VAL B 72 -29.96 -7.48 16.02
CA VAL B 72 -29.77 -6.59 14.86
C VAL B 72 -30.22 -7.21 13.52
N ALA B 73 -31.06 -8.24 13.57
CA ALA B 73 -31.47 -8.93 12.35
C ALA B 73 -32.29 -8.05 11.40
N ASP B 74 -32.98 -7.04 11.94
CA ASP B 74 -33.64 -6.05 11.05
C ASP B 74 -32.69 -5.07 10.34
N LEU B 75 -31.45 -4.94 10.81
CA LEU B 75 -30.45 -4.07 10.16
C LEU B 75 -29.45 -4.81 9.27
N VAL B 76 -29.31 -6.12 9.45
CA VAL B 76 -28.21 -6.90 8.86
C VAL B 76 -28.76 -8.06 8.04
N GLU B 77 -28.24 -8.22 6.84
CA GLU B 77 -28.61 -9.29 5.92
C GLU B 77 -27.33 -10.01 5.53
N PHE B 78 -27.42 -11.32 5.35
CA PHE B 78 -26.32 -12.11 4.78
C PHE B 78 -26.80 -12.81 3.52
N ARG B 79 -25.92 -12.79 2.51
CA ARG B 79 -26.19 -13.40 1.23
C ARG B 79 -25.14 -14.45 0.97
N GLN B 80 -25.57 -15.68 0.68
CA GLN B 80 -24.65 -16.74 0.29
C GLN B 80 -24.27 -16.58 -1.17
N GLY B 81 -22.98 -16.50 -1.44
CA GLY B 81 -22.51 -16.29 -2.80
C GLY B 81 -21.05 -15.88 -2.88
N ASP B 82 -20.56 -15.87 -4.11
CA ASP B 82 -19.22 -15.40 -4.40
C ASP B 82 -19.27 -13.88 -4.48
N LEU B 83 -18.43 -13.24 -3.67
CA LEU B 83 -18.34 -11.77 -3.64
C LEU B 83 -18.00 -11.18 -5.02
N PHE B 84 -17.32 -11.94 -5.88
CA PHE B 84 -17.02 -11.51 -7.24
C PHE B 84 -18.23 -11.45 -8.18
N GLU B 85 -19.36 -12.02 -7.76
CA GLU B 85 -20.59 -12.02 -8.56
C GLU B 85 -21.67 -11.19 -7.91
N ALA B 86 -21.39 -10.62 -6.75
CA ALA B 86 -22.43 -9.93 -5.98
C ALA B 86 -22.72 -8.53 -6.52
N ASP B 87 -23.96 -8.09 -6.37
CA ASP B 87 -24.30 -6.70 -6.65
C ASP B 87 -24.01 -5.91 -5.38
N ILE B 88 -22.98 -5.08 -5.44
CA ILE B 88 -22.50 -4.26 -4.29
C ILE B 88 -22.76 -2.76 -4.49
N SER B 89 -23.52 -2.41 -5.52
CA SER B 89 -23.66 -1.01 -5.94
C SER B 89 -24.37 -0.12 -4.92
N GLU B 90 -25.18 -0.71 -4.04
CA GLU B 90 -25.85 0.06 -2.98
C GLU B 90 -25.00 0.36 -1.75
N ALA B 91 -23.79 -0.19 -1.71
CA ALA B 91 -22.88 0.01 -0.58
C ALA B 91 -22.50 1.50 -0.45
N THR B 92 -22.55 2.03 0.77
CA THR B 92 -22.01 3.36 1.05
C THR B 92 -20.63 3.25 1.70
N VAL B 93 -20.27 2.06 2.15
CA VAL B 93 -18.97 1.73 2.76
C VAL B 93 -18.71 0.25 2.47
N VAL B 94 -17.46 -0.10 2.14
CA VAL B 94 -17.07 -1.50 1.92
C VAL B 94 -15.89 -1.83 2.82
N THR B 95 -15.92 -3.02 3.43
CA THR B 95 -14.85 -3.53 4.28
C THR B 95 -14.38 -4.87 3.79
N LEU B 96 -13.09 -5.14 3.99
CA LEU B 96 -12.42 -6.30 3.39
C LEU B 96 -11.35 -6.86 4.31
N TYR B 97 -11.34 -8.18 4.48
CA TYR B 97 -10.16 -8.88 5.02
C TYR B 97 -9.99 -10.18 4.23
N LEU B 98 -9.25 -10.09 3.12
CA LEU B 98 -9.19 -11.17 2.14
C LEU B 98 -7.75 -11.65 1.99
N LEU B 99 -7.14 -11.37 0.85
CA LEU B 99 -5.73 -11.74 0.57
C LEU B 99 -5.18 -10.72 -0.43
N PRO B 100 -3.87 -10.57 -0.52
CA PRO B 100 -3.34 -9.62 -1.50
C PRO B 100 -3.80 -9.91 -2.93
N SER B 101 -3.67 -11.17 -3.37
CA SER B 101 -4.08 -11.55 -4.75
C SER B 101 -5.58 -11.35 -5.02
N VAL B 102 -6.39 -11.62 -3.99
CA VAL B 102 -7.84 -11.43 -4.08
C VAL B 102 -8.16 -9.93 -4.18
N ASN B 103 -7.53 -9.11 -3.33
CA ASN B 103 -7.75 -7.64 -3.41
C ASN B 103 -7.46 -7.10 -4.81
N GLN B 104 -6.39 -7.61 -5.42
CA GLN B 104 -5.98 -7.15 -6.76
C GLN B 104 -7.04 -7.52 -7.83
N LYS B 105 -7.59 -8.73 -7.74
CA LYS B 105 -8.67 -9.14 -8.62
C LYS B 105 -9.94 -8.35 -8.40
N LEU B 106 -10.20 -8.00 -7.14
CA LEU B 106 -11.42 -7.29 -6.74
C LEU B 106 -11.41 -5.81 -7.14
N ARG B 107 -10.24 -5.20 -7.20
CA ARG B 107 -10.15 -3.75 -7.44
C ARG B 107 -10.98 -3.25 -8.65
N PRO B 108 -10.86 -3.90 -9.82
CA PRO B 108 -11.65 -3.40 -10.97
C PRO B 108 -13.16 -3.54 -10.76
N ILE B 109 -13.60 -4.52 -9.98
CA ILE B 109 -15.02 -4.68 -9.63
C ILE B 109 -15.49 -3.54 -8.74
N LEU B 110 -14.65 -3.11 -7.80
CA LEU B 110 -14.97 -1.93 -6.96
C LEU B 110 -15.14 -0.69 -7.82
N PHE B 111 -14.23 -0.49 -8.76
CA PHE B 111 -14.32 0.64 -9.68
C PHE B 111 -15.56 0.57 -10.58
N GLU B 112 -15.97 -0.64 -10.97
CA GLU B 112 -17.17 -0.83 -11.83
C GLU B 112 -18.47 -0.52 -11.09
N GLN B 113 -18.55 -0.92 -9.82
CA GLN B 113 -19.83 -0.92 -9.10
C GLN B 113 -20.04 0.19 -8.05
N LEU B 114 -18.98 0.68 -7.43
CA LEU B 114 -19.12 1.63 -6.31
C LEU B 114 -19.17 3.08 -6.75
N SER B 115 -20.04 3.86 -6.10
CA SER B 115 -20.17 5.27 -6.40
C SER B 115 -18.91 6.04 -5.95
N PRO B 116 -18.46 7.01 -6.77
CA PRO B 116 -17.41 7.92 -6.27
C PRO B 116 -17.72 8.48 -4.90
N GLY B 117 -16.69 8.53 -4.05
CA GLY B 117 -16.84 8.94 -2.66
C GLY B 117 -17.01 7.81 -1.66
N THR B 118 -17.26 6.59 -2.12
CA THR B 118 -17.41 5.46 -1.23
C THR B 118 -16.10 5.09 -0.54
N PRO B 119 -16.08 5.05 0.81
CA PRO B 119 -14.88 4.51 1.44
C PRO B 119 -14.75 3.00 1.33
N VAL B 120 -13.51 2.56 1.18
CA VAL B 120 -13.15 1.15 1.17
C VAL B 120 -12.08 0.98 2.26
N VAL B 121 -12.29 0.03 3.18
CA VAL B 121 -11.35 -0.23 4.30
C VAL B 121 -10.89 -1.68 4.21
N SER B 122 -9.58 -1.89 4.25
CA SER B 122 -9.01 -3.21 4.22
C SER B 122 -8.13 -3.47 5.43
N HIS B 123 -8.30 -4.64 6.02
CA HIS B 123 -7.43 -5.15 7.07
C HIS B 123 -6.22 -5.82 6.42
N ASP B 124 -5.03 -5.30 6.73
CA ASP B 124 -3.71 -5.88 6.41
C ASP B 124 -3.22 -5.80 4.96
N PHE B 125 -4.11 -5.98 3.99
CA PHE B 125 -3.75 -6.11 2.59
C PHE B 125 -4.09 -4.87 1.78
N ASP B 126 -3.15 -4.49 0.93
CA ASP B 126 -3.27 -3.24 0.17
C ASP B 126 -3.97 -3.49 -1.18
N GLY B 128 -2.43 -2.82 -4.24
CA GLY B 128 -1.35 -2.59 -5.18
C GLY B 128 -0.96 -1.13 -5.27
N ARG B 129 -0.85 -0.64 -6.49
CA ARG B 129 -0.39 0.73 -6.72
C ARG B 129 -1.44 1.80 -6.45
N TRP B 130 -2.67 1.42 -6.10
CA TRP B 130 -3.74 2.38 -5.77
C TRP B 130 -3.43 2.90 -4.37
N ALA B 131 -2.99 4.15 -4.27
CA ALA B 131 -2.46 4.67 -2.99
C ALA B 131 -3.61 4.90 -1.96
N PRO B 132 -3.46 4.39 -0.72
CA PRO B 132 -4.50 4.67 0.27
C PRO B 132 -4.57 6.15 0.66
N ASP B 133 -5.74 6.59 1.11
CA ASP B 133 -5.94 7.92 1.72
CA ASP B 133 -5.82 7.95 1.66
C ASP B 133 -5.43 7.97 3.15
N ARG B 134 -5.56 6.85 3.86
CA ARG B 134 -5.21 6.70 5.29
CA ARG B 134 -5.19 6.73 5.27
C ARG B 134 -4.60 5.35 5.52
N THR B 135 -3.64 5.29 6.44
CA THR B 135 -3.07 4.03 6.92
C THR B 135 -3.07 4.14 8.45
N VAL B 136 -3.61 3.13 9.11
CA VAL B 136 -3.49 3.03 10.54
C VAL B 136 -2.64 1.82 10.86
N ASP B 137 -1.48 2.08 11.44
CA ASP B 137 -0.45 1.07 11.67
C ASP B 137 -0.48 0.75 13.17
N LEU B 138 -1.20 -0.32 13.52
CA LEU B 138 -1.39 -0.71 14.91
C LEU B 138 -0.26 -1.68 15.23
N GLU B 139 -0.14 -2.08 16.49
CA GLU B 139 0.81 -3.10 16.87
C GLU B 139 0.25 -4.43 16.39
N GLY B 140 0.79 -4.94 15.30
CA GLY B 140 0.43 -6.27 14.78
C GLY B 140 -0.63 -6.31 13.70
N ASP B 141 -1.26 -5.17 13.39
CA ASP B 141 -2.25 -5.09 12.31
C ASP B 141 -2.21 -3.72 11.63
N THR B 142 -2.51 -3.72 10.35
CA THR B 142 -2.58 -2.48 9.58
C THR B 142 -3.97 -2.37 8.99
N VAL B 143 -4.48 -1.15 8.91
CA VAL B 143 -5.79 -0.91 8.31
C VAL B 143 -5.59 0.22 7.31
N TYR B 144 -6.03 -0.03 6.08
CA TYR B 144 -5.95 0.94 5.01
C TYR B 144 -7.34 1.48 4.70
N ARG B 145 -7.40 2.74 4.29
CA ARG B 145 -8.60 3.30 3.69
C ARG B 145 -8.31 3.95 2.33
N TRP B 146 -9.25 3.76 1.42
CA TRP B 146 -9.34 4.47 0.16
C TRP B 146 -10.70 5.09 0.03
N THR B 147 -10.80 6.06 -0.86
CA THR B 147 -12.07 6.61 -1.28
C THR B 147 -12.16 6.40 -2.81
N ILE B 148 -13.26 5.85 -3.28
CA ILE B 148 -13.47 5.66 -4.72
C ILE B 148 -13.44 7.05 -5.41
N PRO B 149 -12.53 7.23 -6.39
CA PRO B 149 -12.39 8.55 -7.01
C PRO B 149 -13.37 8.76 -8.14
N GLU B 150 -13.53 10.01 -8.55
CA GLU B 150 -14.39 10.36 -9.68
C GLU B 150 -13.78 9.91 -11.02
N GLU B 151 -12.47 9.96 -11.12
CA GLU B 151 -11.71 9.49 -12.28
C GLU B 151 -10.75 8.40 -11.82
N ILE B 152 -10.71 7.28 -12.53
CA ILE B 152 -9.82 6.18 -12.17
C ILE B 152 -8.39 6.57 -12.59
N PRO B 153 -7.42 6.46 -11.66
CA PRO B 153 -6.03 6.76 -12.00
C PRO B 153 -5.50 5.89 -13.14
N GLU B 154 -4.77 6.50 -14.06
CA GLU B 154 -4.01 5.78 -15.09
C GLU B 154 -2.92 4.88 -14.45
N ASP B 155 -2.46 3.88 -15.20
CA ASP B 155 -1.18 3.22 -14.94
C ASP B 155 -1.04 2.49 -13.60
N LEU B 156 -2.10 1.85 -13.14
CA LEU B 156 -2.03 1.05 -11.91
C LEU B 156 -1.33 -0.30 -12.14
N ASP B 157 -1.48 -0.86 -13.35
CA ASP B 157 -0.81 -2.09 -13.76
C ASP B 157 0.15 -1.81 -14.91
N GLU B 158 1.10 -2.74 -15.12
CA GLU B 158 2.03 -2.66 -16.26
C GLU B 158 1.26 -2.70 -17.58
#